data_1MZP
#
_entry.id   1MZP
#
_cell.length_a   156.010
_cell.length_b   156.010
_cell.length_c   90.429
_cell.angle_alpha   90.00
_cell.angle_beta   90.00
_cell.angle_gamma   120.00
#
_symmetry.space_group_name_H-M   'P 65 2 2'
#
loop_
_entity.id
_entity.type
_entity.pdbx_description
1 polymer 'fragment of 23S rRNA'
2 polymer '50s ribosomal protein L1P'
3 non-polymer 'MAGNESIUM ION'
4 water water
#
loop_
_entity_poly.entity_id
_entity_poly.type
_entity_poly.pdbx_seq_one_letter_code
_entity_poly.pdbx_strand_id
1 'polyribonucleotide' GGGAUGCGUAGGAUAGGUGGGAGCCGCAAGGCGCCGGUGAAAUACCACCCUUCCC B
2 'polypeptide(L)'
;MLADKESLIEALKLALSTEYNVKRNFTQSVEIILTFKGID(MSE)KKGDLKLREIVPLPKQPSKAKRVLVVPSSEQLEYA
KKASPKVVITREELQKLQGQKRPVKKLARQNEWFLINQES(MSE)ALAGRILGPALGPRGKFPTPLPNTADISEYINRFK
RSVLVKTKDQPQVQVFIGTED(MSE)KPEDLAENAIAVLNAIENKAKVETNLRNIYVKTT(MSE)GKAVKVKR
;
A
#
loop_
_chem_comp.id
_chem_comp.type
_chem_comp.name
_chem_comp.formula
A RNA linking ADENOSINE-5'-MONOPHOSPHATE 'C10 H14 N5 O7 P'
C RNA linking CYTIDINE-5'-MONOPHOSPHATE 'C9 H14 N3 O8 P'
G RNA linking GUANOSINE-5'-MONOPHOSPHATE 'C10 H14 N5 O8 P'
MG non-polymer 'MAGNESIUM ION' 'Mg 2'
U RNA linking URIDINE-5'-MONOPHOSPHATE 'C9 H13 N2 O9 P'
#
# COMPACT_ATOMS: atom_id res chain seq x y z
N MET B 1 -1.00 20.04 7.98
CA MET B 1 -2.17 19.13 8.16
C MET B 1 -3.16 19.28 7.01
N LEU B 2 -3.76 18.18 6.60
CA LEU B 2 -4.73 18.18 5.51
C LEU B 2 -6.09 17.88 6.10
N ALA B 3 -6.09 17.30 7.29
CA ALA B 3 -7.30 16.95 8.01
C ALA B 3 -6.92 16.78 9.48
N ASP B 4 -7.91 16.44 10.31
CA ASP B 4 -7.68 16.25 11.73
C ASP B 4 -8.43 15.02 12.23
N LYS B 5 -7.86 14.31 13.20
CA LYS B 5 -8.49 13.11 13.75
C LYS B 5 -10.00 13.23 13.84
N GLU B 6 -10.48 14.33 14.40
CA GLU B 6 -11.90 14.56 14.57
C GLU B 6 -12.73 14.55 13.29
N SER B 7 -12.34 15.34 12.30
CA SER B 7 -13.10 15.38 11.05
C SER B 7 -13.02 14.03 10.33
N LEU B 8 -11.87 13.37 10.43
CA LEU B 8 -11.70 12.07 9.79
C LEU B 8 -12.57 11.03 10.48
N ILE B 9 -12.54 11.02 11.82
CA ILE B 9 -13.37 10.08 12.57
C ILE B 9 -14.83 10.34 12.23
N GLU B 10 -15.18 11.61 12.06
CA GLU B 10 -16.55 11.97 11.73
C GLU B 10 -16.94 11.35 10.40
N ALA B 11 -16.11 11.57 9.37
CA ALA B 11 -16.40 11.01 8.05
C ALA B 11 -16.38 9.49 8.06
N LEU B 12 -15.31 8.90 8.59
CA LEU B 12 -15.18 7.46 8.64
C LEU B 12 -16.34 6.77 9.35
N LYS B 13 -16.79 7.34 10.45
CA LYS B 13 -17.89 6.73 11.18
C LYS B 13 -19.14 6.78 10.30
N LEU B 14 -19.23 7.82 9.48
CA LEU B 14 -20.36 7.97 8.61
C LEU B 14 -20.24 7.04 7.39
N ALA B 15 -19.02 6.81 6.93
CA ALA B 15 -18.78 5.94 5.78
C ALA B 15 -19.07 4.49 6.11
N LEU B 16 -18.90 4.16 7.39
CA LEU B 16 -19.13 2.79 7.86
C LEU B 16 -20.58 2.58 8.28
N SER B 17 -21.34 3.67 8.44
CA SER B 17 -22.73 3.55 8.86
C SER B 17 -23.54 2.88 7.75
N THR B 18 -24.47 2.02 8.14
CA THR B 18 -25.29 1.30 7.17
C THR B 18 -26.00 2.26 6.22
N GLU B 19 -25.96 3.54 6.55
CA GLU B 19 -26.57 4.56 5.71
C GLU B 19 -25.79 4.75 4.43
N TYR B 20 -24.46 4.82 4.57
CA TYR B 20 -23.56 5.00 3.44
C TYR B 20 -22.87 3.71 3.06
N ASN B 21 -23.03 2.67 3.87
CA ASN B 21 -22.35 1.41 3.63
C ASN B 21 -23.17 0.15 3.87
N VAL B 22 -23.83 -0.33 2.83
CA VAL B 22 -24.64 -1.55 2.91
C VAL B 22 -23.74 -2.69 3.35
N LYS B 23 -24.32 -3.82 3.73
CA LYS B 23 -23.50 -4.95 4.16
C LYS B 23 -23.22 -5.87 2.97
N ARG B 24 -21.99 -6.39 2.90
CA ARG B 24 -21.57 -7.27 1.81
C ARG B 24 -21.22 -8.66 2.31
N ASN B 25 -20.91 -9.57 1.38
CA ASN B 25 -20.56 -10.94 1.74
C ASN B 25 -19.08 -11.15 2.03
N PHE B 26 -18.42 -10.09 2.47
CA PHE B 26 -17.00 -10.15 2.82
C PHE B 26 -16.69 -8.89 3.61
N THR B 27 -15.60 -8.91 4.35
CA THR B 27 -15.22 -7.74 5.11
C THR B 27 -14.52 -6.75 4.19
N GLN B 28 -15.23 -5.70 3.86
CA GLN B 28 -14.72 -4.67 2.97
C GLN B 28 -13.54 -3.94 3.56
N SER B 29 -12.88 -3.16 2.71
CA SER B 29 -11.75 -2.36 3.10
C SER B 29 -12.21 -0.92 3.13
N VAL B 30 -11.38 -0.05 3.68
CA VAL B 30 -11.71 1.37 3.74
C VAL B 30 -10.66 2.09 2.93
N GLU B 31 -11.08 3.10 2.19
CA GLU B 31 -10.15 3.87 1.35
C GLU B 31 -10.14 5.37 1.65
N ILE B 32 -8.97 5.95 1.43
CA ILE B 32 -8.79 7.38 1.56
C ILE B 32 -8.53 7.94 0.15
N ILE B 33 -9.26 8.95 -0.27
CA ILE B 33 -9.10 9.47 -1.62
C ILE B 33 -8.89 10.96 -1.58
N LEU B 34 -7.70 11.42 -1.93
CA LEU B 34 -7.43 12.87 -1.95
C LEU B 34 -7.26 13.41 -3.36
N THR B 35 -8.05 14.40 -3.71
CA THR B 35 -7.98 15.03 -5.04
C THR B 35 -7.32 16.40 -4.92
N PHE B 36 -6.65 16.84 -5.99
CA PHE B 36 -5.94 18.11 -5.97
C PHE B 36 -6.20 19.03 -7.16
N LYS B 37 -6.12 20.33 -6.90
CA LYS B 37 -6.33 21.35 -7.94
C LYS B 37 -5.03 22.08 -8.23
N GLY B 38 -5.01 22.74 -9.39
CA GLY B 38 -3.83 23.49 -9.79
C GLY B 38 -2.48 22.89 -9.46
N ILE B 39 -2.32 21.59 -9.69
CA ILE B 39 -1.04 20.96 -9.43
C ILE B 39 -0.37 20.64 -10.76
N ASP B 40 0.89 21.03 -10.89
CA ASP B 40 1.68 20.83 -12.10
C ASP B 40 2.50 19.54 -12.02
N MSE B 41 2.02 18.51 -12.71
CA MSE B 41 2.66 17.20 -12.73
C MSE B 41 4.11 17.28 -13.20
O MSE B 41 5.03 16.87 -12.48
CB MSE B 41 1.88 16.25 -13.65
CG MSE B 41 1.99 14.76 -13.32
SE MSE B 41 1.03 14.20 -11.72
CE MSE B 41 2.55 13.71 -10.63
N LYS B 42 4.33 17.84 -14.39
CA LYS B 42 5.67 17.96 -14.97
C LYS B 42 6.59 18.87 -14.18
N LYS B 43 6.16 19.29 -12.99
CA LYS B 43 7.00 20.16 -12.16
C LYS B 43 7.30 19.50 -10.82
N GLY B 44 6.82 18.27 -10.65
CA GLY B 44 7.04 17.54 -9.41
C GLY B 44 6.27 18.12 -8.25
N ASP B 45 5.13 18.72 -8.54
CA ASP B 45 4.28 19.34 -7.52
C ASP B 45 3.64 18.32 -6.60
N LEU B 46 3.26 17.16 -7.15
CA LEU B 46 2.62 16.11 -6.37
C LEU B 46 3.17 14.75 -6.77
N LYS B 47 4.48 14.64 -6.85
CA LYS B 47 5.14 13.38 -7.23
C LYS B 47 5.35 12.53 -5.98
N LEU B 48 4.54 11.49 -5.82
CA LEU B 48 4.62 10.63 -4.64
C LEU B 48 4.91 9.17 -4.93
N ARG B 49 5.44 8.48 -3.92
CA ARG B 49 5.80 7.07 -4.01
C ARG B 49 6.35 6.71 -2.63
N GLU B 50 5.51 6.92 -1.62
CA GLU B 50 5.89 6.69 -0.24
C GLU B 50 5.39 5.38 0.35
N ILE B 51 6.29 4.65 1.00
CA ILE B 51 5.92 3.41 1.65
C ILE B 51 5.44 3.78 3.05
N VAL B 52 4.19 3.47 3.37
CA VAL B 52 3.64 3.84 4.66
C VAL B 52 3.14 2.69 5.51
N PRO B 53 3.86 2.38 6.61
CA PRO B 53 3.44 1.29 7.50
C PRO B 53 2.23 1.77 8.30
N LEU B 54 1.11 1.05 8.23
CA LEU B 54 -0.08 1.48 8.96
C LEU B 54 0.07 1.27 10.47
N PRO B 55 -0.23 2.32 11.26
CA PRO B 55 -0.15 2.32 12.72
C PRO B 55 -1.09 1.30 13.37
N LYS B 56 -2.28 1.15 12.80
CA LYS B 56 -3.27 0.21 13.34
C LYS B 56 -3.54 -0.92 12.36
N GLN B 57 -2.98 -2.07 12.67
CA GLN B 57 -3.07 -3.27 11.86
C GLN B 57 -4.47 -3.72 11.41
N PRO B 58 -4.66 -3.89 10.10
CA PRO B 58 -5.96 -4.32 9.55
C PRO B 58 -6.14 -5.83 9.68
N SER B 59 -7.37 -6.30 9.52
CA SER B 59 -7.63 -7.73 9.61
C SER B 59 -7.27 -8.41 8.27
N LYS B 60 -6.87 -7.59 7.30
CA LYS B 60 -6.50 -8.10 5.99
C LYS B 60 -5.05 -7.74 5.71
N ALA B 61 -4.20 -8.75 5.55
CA ALA B 61 -2.78 -8.53 5.28
C ALA B 61 -2.47 -8.19 3.82
N LYS B 62 -1.58 -7.24 3.63
CA LYS B 62 -1.15 -6.86 2.28
C LYS B 62 -0.30 -8.01 1.72
N ARG B 63 -0.51 -8.35 0.45
CA ARG B 63 0.22 -9.45 -0.17
C ARG B 63 1.69 -9.14 -0.42
N VAL B 64 2.57 -9.88 0.24
CA VAL B 64 3.99 -9.67 0.09
C VAL B 64 4.65 -10.89 -0.54
N LEU B 65 5.50 -10.58 -1.52
CA LEU B 65 6.29 -11.59 -2.19
C LEU B 65 7.74 -11.49 -1.69
N VAL B 66 8.34 -12.57 -1.30
CA VAL B 66 9.68 -12.47 -0.78
C VAL B 66 10.62 -13.47 -1.47
N VAL B 67 11.77 -12.94 -1.83
CA VAL B 67 12.86 -13.71 -2.41
C VAL B 67 14.03 -13.58 -1.41
N PRO B 68 14.09 -14.53 -0.50
CA PRO B 68 15.12 -14.55 0.55
C PRO B 68 16.52 -15.03 0.15
N SER B 69 17.04 -15.90 0.98
CA SER B 69 18.32 -16.53 0.84
C SER B 69 18.25 -17.82 1.66
N SER B 70 19.00 -18.84 1.31
CA SER B 70 18.90 -20.06 2.10
C SER B 70 18.73 -19.75 3.58
N GLU B 71 19.60 -18.90 4.11
CA GLU B 71 19.57 -18.51 5.51
C GLU B 71 18.18 -18.01 5.91
N GLN B 72 17.75 -16.93 5.26
CA GLN B 72 16.45 -16.32 5.53
C GLN B 72 15.22 -17.16 5.17
N LEU B 73 15.38 -18.14 4.28
CA LEU B 73 14.26 -18.95 3.85
C LEU B 73 13.23 -19.34 4.93
N GLU B 74 13.70 -19.94 6.01
CA GLU B 74 12.78 -20.35 7.07
C GLU B 74 12.12 -19.17 7.80
N TYR B 75 12.90 -18.12 8.06
CA TYR B 75 12.37 -16.94 8.73
C TYR B 75 11.35 -16.26 7.84
N ALA B 76 11.56 -16.33 6.53
CA ALA B 76 10.67 -15.73 5.56
C ALA B 76 9.34 -16.48 5.58
N LYS B 77 9.41 -17.81 5.66
CA LYS B 77 8.23 -18.65 5.69
C LYS B 77 7.39 -18.36 6.94
N LYS B 78 8.07 -18.08 8.04
CA LYS B 78 7.41 -17.78 9.33
C LYS B 78 6.50 -16.56 9.23
N ALA B 79 6.98 -15.51 8.56
CA ALA B 79 6.20 -14.28 8.41
C ALA B 79 4.93 -14.56 7.60
N SER B 80 4.86 -15.76 7.03
CA SER B 80 3.74 -16.20 6.22
C SER B 80 3.31 -15.17 5.16
N PRO B 81 4.23 -14.81 4.25
CA PRO B 81 3.98 -13.85 3.16
C PRO B 81 3.01 -14.44 2.15
N LYS B 82 2.61 -13.63 1.17
CA LYS B 82 1.69 -14.12 0.14
C LYS B 82 2.37 -15.26 -0.61
N VAL B 83 3.66 -15.11 -0.88
CA VAL B 83 4.40 -16.15 -1.58
C VAL B 83 5.89 -16.01 -1.40
N VAL B 84 6.57 -17.14 -1.25
CA VAL B 84 8.01 -17.16 -1.09
C VAL B 84 8.65 -17.82 -2.32
N ILE B 85 9.53 -17.08 -2.97
CA ILE B 85 10.25 -17.54 -4.16
C ILE B 85 11.74 -17.64 -3.84
N THR B 86 12.28 -18.86 -3.86
CA THR B 86 13.70 -19.06 -3.61
C THR B 86 14.46 -18.46 -4.78
N ARG B 87 15.76 -18.28 -4.64
CA ARG B 87 16.55 -17.70 -5.70
C ARG B 87 16.58 -18.62 -6.92
N GLU B 88 16.50 -19.92 -6.67
CA GLU B 88 16.49 -20.91 -7.75
C GLU B 88 15.20 -20.85 -8.53
N GLU B 89 14.09 -20.68 -7.81
CA GLU B 89 12.78 -20.60 -8.43
C GLU B 89 12.68 -19.34 -9.27
N LEU B 90 13.32 -18.26 -8.81
CA LEU B 90 13.29 -17.00 -9.52
C LEU B 90 13.97 -17.10 -10.89
N GLN B 91 15.13 -17.72 -10.92
CA GLN B 91 15.86 -17.90 -12.17
C GLN B 91 15.00 -18.62 -13.19
N LYS B 92 14.31 -19.66 -12.76
CA LYS B 92 13.45 -20.46 -13.63
C LYS B 92 12.28 -19.65 -14.19
N LEU B 93 11.98 -18.52 -13.58
CA LEU B 93 10.89 -17.67 -14.04
C LEU B 93 11.31 -16.87 -15.26
N GLN B 94 12.60 -16.64 -15.42
CA GLN B 94 13.06 -15.85 -16.55
C GLN B 94 12.44 -16.38 -17.83
N GLY B 95 11.83 -15.47 -18.58
CA GLY B 95 11.22 -15.84 -19.84
C GLY B 95 9.76 -16.23 -19.76
N GLN B 96 9.30 -16.65 -18.58
CA GLN B 96 7.91 -17.04 -18.39
C GLN B 96 6.98 -15.83 -18.16
N LYS B 97 6.50 -15.25 -19.24
CA LYS B 97 5.63 -14.09 -19.19
C LYS B 97 4.45 -14.22 -18.21
N ARG B 98 3.66 -15.27 -18.35
CA ARG B 98 2.48 -15.47 -17.52
C ARG B 98 2.71 -15.53 -16.01
N PRO B 99 3.53 -16.48 -15.52
CA PRO B 99 3.75 -16.54 -14.08
C PRO B 99 4.26 -15.22 -13.50
N VAL B 100 5.23 -14.59 -14.17
CA VAL B 100 5.80 -13.34 -13.69
C VAL B 100 4.75 -12.23 -13.63
N LYS B 101 3.96 -12.09 -14.69
CA LYS B 101 2.91 -11.08 -14.71
C LYS B 101 1.88 -11.36 -13.62
N LYS B 102 1.60 -12.64 -13.35
CA LYS B 102 0.66 -12.97 -12.29
C LYS B 102 1.22 -12.46 -10.97
N LEU B 103 2.46 -12.85 -10.67
CA LEU B 103 3.13 -12.43 -9.43
C LEU B 103 3.14 -10.91 -9.30
N ALA B 104 3.43 -10.22 -10.38
CA ALA B 104 3.47 -8.77 -10.35
C ALA B 104 2.09 -8.18 -10.09
N ARG B 105 1.05 -8.84 -10.58
CA ARG B 105 -0.28 -8.30 -10.38
C ARG B 105 -0.93 -8.65 -9.04
N GLN B 106 -0.75 -9.88 -8.58
CA GLN B 106 -1.39 -10.25 -7.33
C GLN B 106 -0.56 -10.10 -6.05
N ASN B 107 0.43 -9.20 -6.07
CA ASN B 107 1.26 -8.94 -4.90
C ASN B 107 1.53 -7.44 -4.81
N GLU B 108 1.49 -6.90 -3.60
CA GLU B 108 1.73 -5.48 -3.39
C GLU B 108 3.20 -5.12 -3.16
N TRP B 109 3.94 -5.99 -2.49
CA TRP B 109 5.35 -5.72 -2.21
C TRP B 109 6.27 -6.85 -2.65
N PHE B 110 7.44 -6.49 -3.09
CA PHE B 110 8.42 -7.48 -3.53
C PHE B 110 9.74 -7.27 -2.83
N LEU B 111 9.99 -8.11 -1.85
CA LEU B 111 11.19 -8.03 -1.02
C LEU B 111 12.27 -8.98 -1.52
N ILE B 112 13.36 -8.42 -2.03
CA ILE B 112 14.42 -9.24 -2.57
C ILE B 112 15.75 -9.14 -1.83
N ASN B 113 16.38 -10.28 -1.59
CA ASN B 113 17.66 -10.31 -0.91
C ASN B 113 18.65 -9.55 -1.80
N GLN B 114 19.62 -8.88 -1.19
CA GLN B 114 20.58 -8.10 -1.96
C GLN B 114 21.34 -8.93 -3.00
N GLU B 115 21.43 -10.23 -2.80
CA GLU B 115 22.14 -11.07 -3.76
C GLU B 115 21.34 -11.35 -5.02
N SER B 116 20.03 -11.17 -4.94
CA SER B 116 19.18 -11.42 -6.09
C SER B 116 18.57 -10.13 -6.62
N MSE B 117 19.15 -9.01 -6.23
CA MSE B 117 18.67 -7.72 -6.67
C MSE B 117 18.66 -7.59 -8.18
O MSE B 117 17.67 -7.17 -8.78
CB MSE B 117 19.53 -6.59 -6.10
CG MSE B 117 19.07 -5.23 -6.56
SE MSE B 117 20.34 -3.84 -6.18
CE MSE B 117 20.34 -3.98 -4.24
N ALA B 118 19.78 -7.96 -8.80
CA ALA B 118 19.92 -7.89 -10.26
C ALA B 118 19.00 -8.85 -10.97
N LEU B 119 18.95 -10.09 -10.47
CA LEU B 119 18.11 -11.13 -11.03
C LEU B 119 16.65 -10.68 -10.98
N ALA B 120 16.22 -10.21 -9.82
CA ALA B 120 14.84 -9.75 -9.62
C ALA B 120 14.44 -8.60 -10.52
N GLY B 121 15.36 -7.64 -10.70
CA GLY B 121 15.07 -6.50 -11.54
C GLY B 121 14.86 -6.85 -13.00
N ARG B 122 15.57 -7.87 -13.47
CA ARG B 122 15.46 -8.29 -14.86
C ARG B 122 14.25 -9.20 -15.09
N ILE B 123 13.97 -10.07 -14.13
CA ILE B 123 12.85 -10.99 -14.25
C ILE B 123 11.51 -10.42 -13.81
N LEU B 124 11.50 -9.70 -12.68
CA LEU B 124 10.25 -9.12 -12.17
C LEU B 124 10.08 -7.67 -12.56
N GLY B 125 11.19 -6.94 -12.63
CA GLY B 125 11.17 -5.53 -12.98
C GLY B 125 10.22 -5.14 -14.10
N PRO B 126 10.44 -5.63 -15.33
CA PRO B 126 9.57 -5.29 -16.45
C PRO B 126 8.07 -5.49 -16.20
N ALA B 127 7.71 -6.30 -15.21
CA ALA B 127 6.31 -6.53 -14.91
C ALA B 127 5.84 -5.59 -13.78
N LEU B 128 6.75 -5.22 -12.88
CA LEU B 128 6.42 -4.33 -11.77
C LEU B 128 6.28 -2.88 -12.21
N GLY B 129 7.25 -2.43 -13.02
CA GLY B 129 7.27 -1.05 -13.50
C GLY B 129 5.93 -0.50 -13.97
N PRO B 130 5.37 -1.05 -15.05
CA PRO B 130 4.09 -0.56 -15.56
C PRO B 130 2.93 -0.65 -14.56
N ARG B 131 3.02 -1.54 -13.59
CA ARG B 131 1.96 -1.68 -12.61
C ARG B 131 2.10 -0.73 -11.41
N GLY B 132 3.05 0.20 -11.52
CA GLY B 132 3.26 1.16 -10.44
C GLY B 132 3.97 0.54 -9.24
N LYS B 133 4.40 -0.70 -9.38
CA LYS B 133 5.09 -1.41 -8.33
C LYS B 133 6.59 -1.40 -8.53
N PHE B 134 7.32 -1.97 -7.57
CA PHE B 134 8.78 -2.00 -7.62
C PHE B 134 9.30 -2.96 -6.57
N PRO B 135 10.57 -3.36 -6.70
CA PRO B 135 11.11 -4.27 -5.70
C PRO B 135 11.85 -3.48 -4.62
N THR B 136 11.78 -3.95 -3.37
CA THR B 136 12.50 -3.29 -2.28
C THR B 136 13.40 -4.33 -1.63
N PRO B 137 14.64 -3.93 -1.30
CA PRO B 137 15.60 -4.85 -0.68
C PRO B 137 15.33 -5.27 0.76
N LEU B 138 15.61 -6.54 1.03
CA LEU B 138 15.45 -7.13 2.34
C LEU B 138 16.75 -6.84 3.07
N PRO B 139 16.71 -6.82 4.40
CA PRO B 139 17.94 -6.55 5.17
C PRO B 139 18.85 -7.79 5.04
N ASN B 140 20.15 -7.62 5.26
CA ASN B 140 21.07 -8.73 5.13
C ASN B 140 21.05 -9.72 6.31
N THR B 141 20.35 -9.38 7.38
CA THR B 141 20.28 -10.28 8.55
C THR B 141 19.51 -11.53 8.17
N ALA B 142 19.43 -12.50 9.08
CA ALA B 142 18.72 -13.75 8.78
C ALA B 142 17.25 -13.71 9.14
N ASP B 143 16.91 -13.25 10.33
CA ASP B 143 15.51 -13.17 10.73
C ASP B 143 14.90 -11.95 10.07
N ILE B 144 14.08 -12.20 9.06
CA ILE B 144 13.42 -11.16 8.28
C ILE B 144 11.96 -11.04 8.72
N SER B 145 11.47 -12.04 9.43
CA SER B 145 10.09 -12.11 9.91
C SER B 145 9.43 -10.75 10.14
N GLU B 146 10.07 -9.91 10.94
CA GLU B 146 9.50 -8.62 11.25
C GLU B 146 9.42 -7.70 10.04
N TYR B 147 10.48 -7.65 9.24
CA TYR B 147 10.51 -6.81 8.05
C TYR B 147 9.29 -7.15 7.18
N ILE B 148 9.11 -8.44 6.93
CA ILE B 148 7.99 -8.93 6.14
C ILE B 148 6.68 -8.49 6.79
N ASN B 149 6.53 -8.73 8.09
CA ASN B 149 5.32 -8.34 8.79
C ASN B 149 5.05 -6.85 8.59
N ARG B 150 6.11 -6.05 8.64
CA ARG B 150 5.97 -4.61 8.45
C ARG B 150 5.30 -4.32 7.11
N PHE B 151 5.80 -4.95 6.05
CA PHE B 151 5.22 -4.75 4.72
C PHE B 151 3.83 -5.37 4.59
N LYS B 152 3.56 -6.40 5.37
CA LYS B 152 2.24 -7.04 5.31
C LYS B 152 1.16 -6.05 5.75
N ARG B 153 1.58 -4.94 6.36
CA ARG B 153 0.64 -3.92 6.81
C ARG B 153 1.06 -2.54 6.33
N SER B 154 1.75 -2.48 5.21
CA SER B 154 2.19 -1.21 4.64
C SER B 154 1.44 -0.93 3.34
N VAL B 155 1.09 0.33 3.13
CA VAL B 155 0.39 0.72 1.92
C VAL B 155 1.27 1.63 1.08
N LEU B 156 1.02 1.67 -0.22
CA LEU B 156 1.81 2.52 -1.10
C LEU B 156 1.07 3.80 -1.43
N VAL B 157 1.65 4.93 -1.07
CA VAL B 157 1.03 6.21 -1.37
C VAL B 157 1.79 6.77 -2.57
N LYS B 158 1.24 6.57 -3.76
CA LYS B 158 1.90 7.05 -4.97
C LYS B 158 0.98 7.76 -5.95
N THR B 159 1.58 8.57 -6.82
CA THR B 159 0.85 9.27 -7.86
C THR B 159 1.55 8.90 -9.14
N LYS B 160 0.81 8.94 -10.24
CA LYS B 160 1.34 8.58 -11.54
C LYS B 160 1.21 9.74 -12.52
N ASP B 161 -0.02 10.03 -12.92
CA ASP B 161 -0.28 11.11 -13.87
C ASP B 161 -1.60 11.80 -13.61
N GLN B 162 -2.15 11.59 -12.42
CA GLN B 162 -3.42 12.21 -12.07
C GLN B 162 -3.27 12.95 -10.73
N PRO B 163 -3.90 14.12 -10.61
CA PRO B 163 -3.82 14.91 -9.38
C PRO B 163 -4.59 14.30 -8.23
N GLN B 164 -4.37 13.03 -7.93
CA GLN B 164 -5.07 12.41 -6.81
C GLN B 164 -4.26 11.32 -6.12
N VAL B 165 -4.66 10.99 -4.90
CA VAL B 165 -4.03 9.98 -4.09
C VAL B 165 -5.08 9.01 -3.58
N GLN B 166 -4.92 7.75 -3.96
CA GLN B 166 -5.89 6.72 -3.54
C GLN B 166 -5.17 5.65 -2.75
N VAL B 167 -5.56 5.48 -1.48
CA VAL B 167 -4.89 4.49 -0.65
C VAL B 167 -5.79 3.67 0.26
N PHE B 168 -5.33 2.46 0.47
CA PHE B 168 -6.00 1.53 1.36
C PHE B 168 -5.67 1.95 2.78
N ILE B 169 -6.72 2.14 3.57
CA ILE B 169 -6.57 2.66 4.92
C ILE B 169 -6.84 1.63 6.03
N GLY B 170 -7.36 0.46 5.64
CA GLY B 170 -7.67 -0.57 6.62
C GLY B 170 -8.98 -1.26 6.29
N THR B 171 -9.48 -2.10 7.19
CA THR B 171 -10.74 -2.81 6.96
C THR B 171 -11.93 -2.17 7.68
N GLU B 172 -13.15 -2.50 7.25
CA GLU B 172 -14.34 -1.92 7.84
C GLU B 172 -14.71 -2.43 9.21
N ASP B 173 -14.04 -3.47 9.70
CA ASP B 173 -14.35 -4.00 11.01
C ASP B 173 -13.51 -3.32 12.09
N MSE B 174 -12.74 -2.32 11.70
CA MSE B 174 -11.90 -1.58 12.63
C MSE B 174 -12.67 -0.41 13.26
O MSE B 174 -13.75 -0.03 12.79
CB MSE B 174 -10.66 -1.04 11.92
CG MSE B 174 -9.61 -2.07 11.65
SE MSE B 174 -8.18 -1.34 10.56
CE MSE B 174 -7.51 0.05 11.71
N LYS B 175 -12.09 0.17 14.31
CA LYS B 175 -12.69 1.31 15.00
C LYS B 175 -12.33 2.59 14.26
N PRO B 176 -13.33 3.45 13.99
CA PRO B 176 -13.11 4.71 13.30
C PRO B 176 -11.87 5.45 13.80
N GLU B 177 -11.60 5.35 15.10
CA GLU B 177 -10.44 6.01 15.68
C GLU B 177 -9.16 5.50 15.02
N ASP B 178 -9.06 4.18 14.90
CA ASP B 178 -7.91 3.51 14.30
C ASP B 178 -7.75 3.83 12.83
N LEU B 179 -8.85 3.72 12.08
CA LEU B 179 -8.83 4.03 10.66
C LEU B 179 -8.38 5.47 10.49
N ALA B 180 -8.89 6.31 11.38
CA ALA B 180 -8.55 7.74 11.37
C ALA B 180 -7.06 7.89 11.56
N GLU B 181 -6.48 7.07 12.43
CA GLU B 181 -5.06 7.16 12.68
C GLU B 181 -4.22 6.75 11.48
N ASN B 182 -4.65 5.71 10.76
CA ASN B 182 -3.91 5.28 9.59
C ASN B 182 -4.07 6.38 8.55
N ALA B 183 -5.26 6.97 8.51
CA ALA B 183 -5.51 8.05 7.57
C ALA B 183 -4.47 9.14 7.84
N ILE B 184 -4.19 9.39 9.12
CA ILE B 184 -3.22 10.41 9.52
C ILE B 184 -1.85 10.05 8.94
N ALA B 185 -1.45 8.78 9.13
CA ALA B 185 -0.17 8.30 8.62
C ALA B 185 -0.03 8.58 7.13
N VAL B 186 -1.05 8.20 6.37
CA VAL B 186 -1.03 8.42 4.93
C VAL B 186 -0.91 9.91 4.68
N LEU B 187 -1.77 10.69 5.36
CA LEU B 187 -1.76 12.15 5.24
C LEU B 187 -0.38 12.73 5.58
N ASN B 188 0.22 12.28 6.67
CA ASN B 188 1.53 12.77 7.08
C ASN B 188 2.60 12.46 6.02
N ALA B 189 2.45 11.34 5.34
CA ALA B 189 3.41 10.94 4.31
C ALA B 189 3.29 11.85 3.09
N ILE B 190 2.10 12.38 2.84
CA ILE B 190 1.91 13.26 1.69
C ILE B 190 2.57 14.61 1.99
N GLU B 191 2.17 15.22 3.11
CA GLU B 191 2.70 16.51 3.54
C GLU B 191 4.22 16.46 3.54
N ASN B 192 4.76 15.45 4.21
CA ASN B 192 6.20 15.26 4.33
C ASN B 192 6.95 15.40 3.00
N LYS B 193 6.33 14.96 1.92
CA LYS B 193 6.99 15.01 0.61
C LYS B 193 6.58 16.17 -0.29
N ALA B 194 5.54 16.91 0.09
CA ALA B 194 5.09 18.04 -0.70
C ALA B 194 4.03 18.86 0.00
N LYS B 195 4.18 20.18 -0.04
CA LYS B 195 3.23 21.11 0.57
C LYS B 195 2.09 21.35 -0.42
N VAL B 196 1.02 20.57 -0.28
CA VAL B 196 -0.11 20.68 -1.17
C VAL B 196 -1.41 20.93 -0.43
N GLU B 197 -1.32 21.64 0.68
CA GLU B 197 -2.51 21.95 1.48
C GLU B 197 -3.48 22.87 0.75
N THR B 198 -2.94 23.75 -0.09
CA THR B 198 -3.75 24.69 -0.86
C THR B 198 -4.35 24.03 -2.09
N ASN B 199 -3.64 23.05 -2.64
CA ASN B 199 -4.10 22.35 -3.84
C ASN B 199 -5.16 21.31 -3.50
N LEU B 200 -5.27 20.99 -2.22
CA LEU B 200 -6.24 20.01 -1.78
C LEU B 200 -7.66 20.46 -2.14
N ARG B 201 -8.42 19.58 -2.78
CA ARG B 201 -9.79 19.87 -3.17
C ARG B 201 -10.73 19.15 -2.22
N ASN B 202 -10.54 17.85 -2.07
CA ASN B 202 -11.38 17.07 -1.18
C ASN B 202 -10.69 15.81 -0.73
N ILE B 203 -11.27 15.21 0.29
CA ILE B 203 -10.78 13.97 0.84
C ILE B 203 -12.02 13.11 1.03
N TYR B 204 -12.04 11.95 0.41
CA TYR B 204 -13.18 11.07 0.56
C TYR B 204 -12.71 9.83 1.30
N VAL B 205 -13.65 9.19 1.97
CA VAL B 205 -13.34 7.93 2.64
C VAL B 205 -14.52 7.03 2.30
N LYS B 206 -14.27 5.72 2.27
CA LYS B 206 -15.35 4.80 1.95
C LYS B 206 -14.95 3.35 2.11
N THR B 207 -15.97 2.51 2.09
CA THR B 207 -15.73 1.10 2.14
C THR B 207 -15.57 0.62 0.71
N THR B 208 -15.05 -0.57 0.55
CA THR B 208 -14.84 -1.06 -0.80
C THR B 208 -16.02 -0.81 -1.74
N MSE B 209 -17.24 -1.00 -1.25
CA MSE B 209 -18.40 -0.78 -2.11
C MSE B 209 -19.45 0.18 -1.55
O MSE B 209 -20.60 0.17 -2.00
CB MSE B 209 -19.04 -2.12 -2.46
CG MSE B 209 -18.28 -2.84 -3.56
SE MSE B 209 -18.89 -4.63 -3.87
CE MSE B 209 -17.17 -5.47 -4.22
N GLY B 210 -19.05 1.01 -0.59
CA GLY B 210 -19.98 1.97 -0.02
C GLY B 210 -19.87 3.32 -0.69
N LYS B 211 -20.75 4.25 -0.33
CA LYS B 211 -20.73 5.58 -0.91
C LYS B 211 -19.57 6.38 -0.35
N ALA B 212 -18.95 7.22 -1.18
CA ALA B 212 -17.84 8.06 -0.74
C ALA B 212 -18.37 9.13 0.20
N VAL B 213 -17.59 9.45 1.22
CA VAL B 213 -17.99 10.46 2.19
C VAL B 213 -16.90 11.50 2.26
N LYS B 214 -17.25 12.75 1.97
CA LYS B 214 -16.29 13.85 2.02
C LYS B 214 -15.97 14.22 3.46
N VAL B 215 -14.70 14.50 3.73
CA VAL B 215 -14.26 14.90 5.05
C VAL B 215 -14.45 16.41 5.13
N LYS B 216 -15.03 16.89 6.22
CA LYS B 216 -15.26 18.33 6.39
C LYS B 216 -14.00 19.06 6.79
N ARG B 217 -13.92 20.33 6.42
CA ARG B 217 -12.77 21.15 6.76
C ARG B 217 -13.23 22.60 6.93
MG MG C . -6.06 0.07 -27.06
MG MG D . -6.08 -3.30 -9.30
MG MG E . -12.71 0.81 -15.96
#